data_4DT7
#
_entry.id   4DT7
#
_cell.length_a   46.395
_cell.length_b   84.272
_cell.length_c   66.363
_cell.angle_alpha   90.00
_cell.angle_beta   94.59
_cell.angle_gamma   90.00
#
_symmetry.space_group_name_H-M   'P 1 21 1'
#
loop_
_entity.id
_entity.type
_entity.pdbx_description
1 polymer 'Thrombin light chain'
2 polymer 'Thrombin heavy chain'
3 polymer 'Vitamin K-dependent protein C'
4 non-polymer 'SODIUM ION'
5 non-polymer DI(HYDROXYETHYL)ETHER
6 non-polymer 'ACETATE ION'
7 water water
#
loop_
_entity_poly.entity_id
_entity_poly.type
_entity_poly.pdbx_seq_one_letter_code
_entity_poly.pdbx_strand_id
1 'polypeptide(L)' GEADCGLRPLFEKKSLEDKTERELLESYIDGR A,C
2 'polypeptide(L)'
;IVEGSDAEIGMSPWQVMLFRKSPQELLCGASLISDRWVLTAAHCLLYPPWDKNFTENDLLVRIGKHSRTRYERNIEKISM
LEKIYIHPRYNWRENLDRDIALMKLKKPVAFSDYIHPVCLPDRETAASLLQAGYKGRVTGWGNLKETWTANVGKGQPSVL
QVVNLPIVERPVCKDSTRIRITDNMFCAGYKPDEGKRGDACEGDAGGPFVMKSPFNNRWYQMGIVSWGEGCDRDGKYGFY
THVFRLKKWIQKVIDQFGE
;
B,D
3 'polypeptide(L)' QEDQVDPRLIDGKMTRRGDS E,F
#
# COMPACT_ATOMS: atom_id res chain seq x y z
N GLY A 1 20.02 24.72 15.38
CA GLY A 1 20.15 23.29 14.92
C GLY A 1 20.88 23.13 13.60
N GLU A 2 21.58 24.19 13.18
CA GLU A 2 22.33 24.19 11.93
C GLU A 2 23.52 23.23 11.96
N ALA A 3 24.30 23.28 13.05
CA ALA A 3 25.61 22.61 13.12
C ALA A 3 25.59 21.08 13.09
N ASP A 4 24.48 20.46 13.52
CA ASP A 4 24.35 18.99 13.41
C ASP A 4 23.21 18.54 12.44
N CYS A 5 22.94 19.37 11.45
CA CYS A 5 21.98 19.02 10.41
C CYS A 5 22.43 17.79 9.63
N GLY A 6 21.48 16.97 9.18
CA GLY A 6 21.75 15.90 8.22
C GLY A 6 22.45 14.64 8.71
N LEU A 7 22.62 14.49 10.02
CA LEU A 7 23.23 13.28 10.59
C LEU A 7 22.17 12.49 11.31
N ARG A 8 22.20 11.18 11.16
CA ARG A 8 21.20 10.31 11.78
C ARG A 8 21.85 9.50 12.89
N PRO A 9 21.38 9.68 14.14
CA PRO A 9 22.00 8.98 15.26
C PRO A 9 21.97 7.45 15.10
N LEU A 10 20.93 6.94 14.44
CA LEU A 10 20.79 5.50 14.23
C LEU A 10 21.57 4.98 13.00
N PHE A 11 22.16 5.90 12.25
CA PHE A 11 22.88 5.49 11.04
C PHE A 11 24.31 6.01 10.99
N GLU A 12 24.53 7.22 10.48
CA GLU A 12 25.88 7.77 10.35
C GLU A 12 26.67 7.84 11.68
N LYS A 13 25.99 8.19 12.77
CA LYS A 13 26.65 8.23 14.08
C LYS A 13 27.10 6.85 14.58
N LYS A 14 26.53 5.80 14.01
CA LYS A 14 26.87 4.41 14.38
C LYS A 14 27.63 3.71 13.27
N SER A 15 27.98 4.44 12.22
CA SER A 15 28.65 3.87 11.04
C SER A 15 27.85 2.70 10.44
N LEU A 16 26.54 2.86 10.39
CA LEU A 16 25.63 1.91 9.75
C LEU A 16 25.03 2.57 8.51
N GLU A 17 24.99 1.84 7.40
CA GLU A 17 24.33 2.34 6.18
C GLU A 17 22.89 1.87 6.20
N ASP A 18 21.99 2.64 5.60
CA ASP A 18 20.62 2.17 5.42
C ASP A 18 20.51 1.27 4.18
N LYS A 19 19.36 0.62 4.00
CA LYS A 19 19.23 -0.42 2.97
C LYS A 19 19.43 0.05 1.51
N THR A 20 19.18 1.33 1.22
CA THR A 20 19.24 1.81 -0.17
C THR A 20 20.09 3.07 -0.44
N GLU A 21 20.86 3.53 0.55
CA GLU A 21 21.66 4.74 0.32
C GLU A 21 22.80 4.54 -0.69
N ARG A 22 23.32 3.33 -0.82
CA ARG A 22 24.38 3.05 -1.82
C ARG A 22 23.89 3.29 -3.25
N GLU A 23 22.61 3.05 -3.50
CA GLU A 23 22.01 3.35 -4.81
C GLU A 23 22.17 4.84 -5.17
N LEU A 24 22.11 5.71 -4.16
CA LEU A 24 22.33 7.13 -4.40
C LEU A 24 23.77 7.40 -4.79
N LEU A 25 24.71 6.87 -3.98
CA LEU A 25 26.14 7.07 -4.22
C LEU A 25 26.56 6.48 -5.57
N GLU A 26 26.01 5.32 -5.92
CA GLU A 26 26.28 4.70 -7.21
C GLU A 26 25.90 5.63 -8.38
N SER A 27 24.77 6.32 -8.25
CA SER A 27 24.34 7.25 -9.28
C SER A 27 25.28 8.48 -9.40
N TYR A 28 25.87 8.94 -8.28
CA TYR A 28 26.80 10.09 -8.32
C TYR A 28 28.15 9.74 -8.93
N ILE A 29 28.55 8.48 -8.82
CA ILE A 29 29.90 8.07 -9.22
C ILE A 29 29.89 7.36 -10.57
N ASP A 30 28.90 6.50 -10.78
CA ASP A 30 28.90 5.72 -12.02
C ASP A 30 27.65 6.01 -12.87
N GLY A 31 26.52 5.42 -12.51
CA GLY A 31 25.29 5.65 -13.27
C GLY A 31 24.99 4.68 -14.40
N ARG A 32 25.99 3.94 -14.86
CA ARG A 32 25.78 2.92 -15.89
C ARG A 32 25.12 1.68 -15.28
N ILE B 1 3.61 7.77 -1.60
CA ILE B 1 4.80 7.26 -2.35
C ILE B 1 4.41 6.01 -3.13
N VAL B 2 4.67 6.04 -4.44
CA VAL B 2 4.36 4.93 -5.34
C VAL B 2 5.61 4.14 -5.69
N GLU B 3 5.51 2.82 -5.62
CA GLU B 3 6.61 1.89 -5.93
C GLU B 3 7.84 2.07 -5.02
N GLY B 4 7.59 2.46 -3.78
CA GLY B 4 8.67 2.57 -2.81
C GLY B 4 8.66 1.36 -1.90
N SER B 5 9.23 1.50 -0.71
CA SER B 5 9.19 0.46 0.32
C SER B 5 9.13 1.15 1.70
N ASP B 6 8.97 0.35 2.76
CA ASP B 6 8.90 0.87 4.13
C ASP B 6 10.22 1.50 4.54
N ALA B 7 10.16 2.67 5.17
CA ALA B 7 11.38 3.27 5.73
C ALA B 7 11.86 2.45 6.92
N GLU B 8 13.16 2.38 7.12
CA GLU B 8 13.72 1.81 8.34
C GLU B 8 13.48 2.83 9.45
N ILE B 9 13.44 2.39 10.71
CA ILE B 9 13.22 3.34 11.81
C ILE B 9 14.37 4.34 11.92
N GLY B 10 14.05 5.63 11.97
CA GLY B 10 15.06 6.67 12.09
C GLY B 10 15.83 6.97 10.81
N MET B 11 15.35 6.44 9.69
CA MET B 11 15.99 6.63 8.38
C MET B 11 15.82 8.07 7.86
N SER B 12 14.72 8.71 8.24
CA SER B 12 14.42 10.07 7.80
C SER B 12 13.91 10.92 8.99
N PRO B 13 14.81 11.24 9.96
CA PRO B 13 14.39 11.82 11.25
C PRO B 13 14.00 13.29 11.17
N TRP B 14 14.18 13.89 9.99
CA TRP B 14 13.71 15.24 9.68
C TRP B 14 12.28 15.25 9.12
N GLN B 15 11.73 14.08 8.83
CA GLN B 15 10.36 13.95 8.30
C GLN B 15 9.32 14.49 9.29
N VAL B 16 8.45 15.37 8.82
CA VAL B 16 7.40 15.93 9.67
C VAL B 16 6.05 15.58 9.04
N MET B 17 5.09 15.21 9.89
CA MET B 17 3.73 14.99 9.44
C MET B 17 2.85 16.18 9.80
N LEU B 18 2.20 16.74 8.79
CA LEU B 18 1.17 17.75 9.00
C LEU B 18 -0.17 17.03 9.05
N PHE B 19 -0.85 17.19 10.18
CA PHE B 19 -1.95 16.31 10.57
C PHE B 19 -3.06 17.12 11.23
N ARG B 20 -4.29 16.91 10.78
CA ARG B 20 -5.43 17.37 11.56
C ARG B 20 -6.14 16.17 12.17
N LYS B 21 -6.64 16.36 13.39
CA LYS B 21 -7.16 15.27 14.21
C LYS B 21 -8.68 15.17 14.14
N SER B 22 -9.32 16.24 13.68
CA SER B 22 -10.76 16.30 13.53
C SER B 22 -11.17 17.30 12.44
N PRO B 23 -11.63 16.81 11.27
CA PRO B 23 -11.64 15.39 10.86
C PRO B 23 -10.23 14.82 10.77
N GLN B 24 -10.08 13.55 11.15
CA GLN B 24 -8.77 12.89 11.20
C GLN B 24 -8.19 12.69 9.80
N GLU B 25 -7.09 13.41 9.52
CA GLU B 25 -6.45 13.38 8.21
C GLU B 25 -4.97 13.67 8.26
N LEU B 26 -4.22 12.93 7.44
CA LEU B 26 -2.89 13.35 7.04
C LEU B 26 -3.05 14.43 5.97
N LEU B 27 -2.62 15.64 6.28
CA LEU B 27 -2.65 16.71 5.30
C LEU B 27 -1.47 16.55 4.35
N CYS B 28 -0.26 16.58 4.92
CA CYS B 28 0.94 16.73 4.13
C CYS B 28 2.18 16.26 4.88
N GLY B 29 3.27 16.12 4.15
CA GLY B 29 4.58 15.98 4.75
C GLY B 29 5.22 17.35 4.91
N ALA B 30 6.42 17.35 5.49
CA ALA B 30 7.19 18.57 5.76
C ALA B 30 8.54 18.11 6.27
N SER B 31 9.40 19.05 6.57
CA SER B 31 10.75 18.75 6.99
C SER B 31 11.22 19.66 8.09
N LEU B 32 11.95 19.08 9.04
CA LEU B 32 12.55 19.85 10.11
C LEU B 32 13.91 20.39 9.66
N ILE B 33 14.10 21.71 9.74
CA ILE B 33 15.36 22.33 9.27
C ILE B 33 16.19 23.02 10.36
N SER B 34 15.61 23.19 11.55
CA SER B 34 16.38 23.59 12.75
C SER B 34 15.57 23.21 13.99
N ASP B 35 15.93 23.72 15.17
CA ASP B 35 15.14 23.42 16.36
C ASP B 35 13.74 24.06 16.35
N ARG B 36 13.55 25.09 15.54
CA ARG B 36 12.34 25.93 15.59
C ARG B 36 11.63 26.13 14.25
N TRP B 37 12.24 25.68 13.16
CA TRP B 37 11.66 25.90 11.84
C TRP B 37 11.33 24.63 11.08
N VAL B 38 10.19 24.65 10.39
CA VAL B 38 9.73 23.52 9.61
C VAL B 38 9.41 24.01 8.19
N LEU B 39 9.83 23.25 7.19
CA LEU B 39 9.69 23.61 5.79
C LEU B 39 8.62 22.74 5.12
N THR B 40 7.75 23.35 4.30
CA THR B 40 6.72 22.59 3.61
C THR B 40 6.33 23.22 2.26
N ALA B 41 5.33 22.67 1.58
CA ALA B 41 4.80 23.29 0.35
C ALA B 41 3.71 24.29 0.73
N ALA B 42 3.70 25.45 0.10
CA ALA B 42 2.66 26.47 0.33
C ALA B 42 1.23 25.89 0.18
N HIS B 43 0.99 25.07 -0.84
CA HIS B 43 -0.36 24.52 -1.11
C HIS B 43 -0.86 23.57 -0.04
N CYS B 44 0.04 23.07 0.82
CA CYS B 44 -0.36 22.28 1.98
C CYS B 44 -1.17 23.14 2.94
N LEU B 45 -0.90 24.44 2.93
CA LEU B 45 -1.50 25.36 3.91
C LEU B 45 -2.49 26.33 3.26
N LEU B 46 -2.23 26.68 2.01
CA LEU B 46 -3.08 27.62 1.29
C LEU B 46 -3.38 27.12 -0.13
N TYR B 47 -4.61 26.69 -0.35
CA TYR B 47 -5.03 26.32 -1.70
C TYR B 47 -6.51 26.62 -1.87
N PRO B 48 -6.82 27.87 -2.30
CA PRO B 48 -8.23 28.28 -2.40
C PRO B 48 -9.16 27.39 -3.24
N PRO B 49 -8.68 26.79 -4.34
CA PRO B 49 -9.63 25.93 -5.08
C PRO B 49 -10.21 24.77 -4.26
N TRP B 50 -9.48 24.32 -3.23
CA TRP B 50 -10.00 23.27 -2.36
C TRP B 50 -10.40 23.78 -0.96
N ASP B 51 -10.68 25.08 -0.86
CA ASP B 51 -11.07 25.72 0.40
C ASP B 51 -10.09 25.46 1.54
N LYS B 52 -8.81 25.50 1.19
CA LYS B 52 -7.75 25.23 2.14
C LYS B 52 -7.04 26.54 2.53
N ASN B 53 -7.15 26.91 3.79
CA ASN B 53 -6.55 28.15 4.30
C ASN B 53 -6.24 28.01 5.79
N PHE B 54 -5.21 27.23 6.09
CA PHE B 54 -4.90 26.94 7.48
C PHE B 54 -4.16 28.07 8.18
N THR B 55 -4.54 28.33 9.41
CA THR B 55 -3.79 29.24 10.24
C THR B 55 -3.11 28.43 11.35
N GLU B 56 -2.36 29.11 12.20
CA GLU B 56 -1.52 28.44 13.19
C GLU B 56 -2.27 27.43 14.09
N ASN B 57 -3.53 27.71 14.39
CA ASN B 57 -4.31 26.85 15.29
C ASN B 57 -5.06 25.69 14.62
N ASP B 58 -4.99 25.61 13.30
CA ASP B 58 -5.72 24.58 12.57
C ASP B 58 -4.91 23.29 12.43
N LEU B 59 -3.64 23.36 12.85
CA LEU B 59 -2.61 22.38 12.51
C LEU B 59 -1.68 22.01 13.65
N LEU B 60 -1.36 20.72 13.72
CA LEU B 60 -0.28 20.24 14.58
C LEU B 60 0.84 19.58 13.76
N VAL B 61 2.08 19.85 14.16
CA VAL B 61 3.23 19.21 13.51
C VAL B 61 3.73 18.06 14.37
N ARG B 62 3.82 16.88 13.75
CA ARG B 62 4.23 15.66 14.42
C ARG B 62 5.60 15.25 13.90
N ILE B 63 6.59 15.21 14.79
CA ILE B 63 7.98 14.91 14.45
C ILE B 63 8.42 13.60 15.09
N GLY B 64 9.26 12.85 14.38
CA GLY B 64 9.79 11.59 14.89
C GLY B 64 8.89 10.39 14.63
N LYS B 65 7.89 10.56 13.75
CA LYS B 65 6.91 9.50 13.50
C LYS B 65 7.37 8.44 12.51
N HIS B 66 6.87 7.22 12.72
CA HIS B 66 7.08 6.11 11.79
C HIS B 66 5.71 5.61 11.30
N SER B 67 4.82 5.28 12.23
CA SER B 67 3.44 4.88 11.89
C SER B 67 2.59 6.07 11.42
N ARG B 68 1.70 5.84 10.45
CA ARG B 68 0.77 6.88 9.98
C ARG B 68 -0.38 7.02 10.97
N THR B 69 -0.93 5.89 11.40
CA THR B 69 -2.15 5.83 12.21
C THR B 69 -1.89 5.17 13.55
N ARG B 70 -0.99 5.77 14.34
CA ARG B 70 -0.71 5.32 15.70
C ARG B 70 0.12 6.36 16.42
N TYR B 71 -0.34 6.79 17.59
CA TYR B 71 0.43 7.71 18.42
C TYR B 71 1.61 6.96 19.05
N GLU B 72 2.81 7.38 18.68
CA GLU B 72 4.02 6.72 19.11
C GLU B 72 4.57 7.41 20.36
N ARG B 73 4.04 7.00 21.51
CA ARG B 73 4.24 7.65 22.81
C ARG B 73 5.69 8.04 23.12
N ASN B 74 6.60 7.08 22.95
CA ASN B 74 7.97 7.23 23.42
C ASN B 74 8.97 7.67 22.36
N ILE B 75 8.49 8.10 21.19
CA ILE B 75 9.38 8.63 20.15
C ILE B 75 8.95 9.96 19.54
N GLU B 76 7.63 10.19 19.41
CA GLU B 76 7.19 11.37 18.67
C GLU B 76 7.10 12.66 19.47
N LYS B 77 7.28 13.77 18.77
CA LYS B 77 7.13 15.11 19.34
C LYS B 77 6.01 15.81 18.59
N ILE B 78 5.10 16.41 19.34
CA ILE B 78 4.02 17.22 18.79
C ILE B 78 4.28 18.68 19.13
N SER B 79 4.38 19.51 18.09
CA SER B 79 4.65 20.92 18.28
C SER B 79 3.50 21.73 17.73
N MET B 80 3.39 22.96 18.24
CA MET B 80 2.38 23.88 17.78
C MET B 80 3.08 25.03 17.08
N LEU B 81 2.36 25.63 16.14
CA LEU B 81 2.90 26.69 15.32
C LEU B 81 2.76 28.03 16.01
N GLU B 82 3.78 28.88 15.86
CA GLU B 82 3.70 30.28 16.28
C GLU B 82 3.30 31.14 15.09
N LYS B 83 3.83 30.80 13.91
CA LYS B 83 3.60 31.59 12.70
C LYS B 83 3.76 30.76 11.43
N ILE B 84 3.00 31.13 10.40
CA ILE B 84 3.14 30.55 9.07
C ILE B 84 3.61 31.63 8.08
N TYR B 85 4.61 31.30 7.29
CA TYR B 85 5.09 32.20 6.26
C TYR B 85 4.98 31.53 4.90
N ILE B 86 4.04 32.01 4.08
CA ILE B 86 3.87 31.52 2.71
C ILE B 86 4.68 32.43 1.78
N HIS B 87 5.41 31.84 0.84
CA HIS B 87 6.14 32.64 -0.15
C HIS B 87 5.22 33.67 -0.85
N PRO B 88 5.67 34.95 -0.91
CA PRO B 88 4.83 36.04 -1.45
C PRO B 88 4.46 35.91 -2.92
N ARG B 89 5.30 35.21 -3.70
CA ARG B 89 5.02 34.97 -5.13
C ARG B 89 4.57 33.52 -5.43
N TYR B 90 4.06 32.83 -4.40
CA TYR B 90 3.40 31.54 -4.60
C TYR B 90 2.22 31.77 -5.55
N ASN B 91 2.14 30.93 -6.59
CA ASN B 91 1.09 31.01 -7.63
C ASN B 91 0.17 29.80 -7.55
N TRP B 92 -0.97 29.94 -6.87
CA TRP B 92 -1.93 28.84 -6.81
C TRP B 92 -2.84 28.78 -8.04
N ARG B 93 -2.93 29.89 -8.78
CA ARG B 93 -3.84 29.98 -9.94
C ARG B 93 -3.43 29.16 -11.16
N GLU B 94 -2.13 28.98 -11.37
CA GLU B 94 -1.61 28.42 -12.62
C GLU B 94 -0.77 27.14 -12.46
N ASN B 95 0.39 27.25 -11.82
CA ASN B 95 1.38 26.18 -11.94
C ASN B 95 2.11 25.86 -10.64
N LEU B 96 1.64 26.45 -9.53
CA LEU B 96 2.26 26.27 -8.20
C LEU B 96 3.72 26.73 -8.15
N ASP B 97 4.02 27.76 -8.93
CA ASP B 97 5.35 28.36 -8.88
C ASP B 97 5.59 28.83 -7.45
N ARG B 98 6.81 28.62 -6.98
CA ARG B 98 7.24 28.97 -5.63
C ARG B 98 6.35 28.36 -4.53
N ASP B 99 6.10 27.06 -4.68
CA ASP B 99 5.27 26.27 -3.74
C ASP B 99 6.10 25.96 -2.47
N ILE B 100 6.16 26.92 -1.56
CA ILE B 100 7.03 26.84 -0.40
C ILE B 100 6.49 27.65 0.75
N ALA B 101 6.62 27.10 1.96
CA ALA B 101 6.16 27.75 3.15
C ALA B 101 7.04 27.36 4.32
N LEU B 102 7.20 28.29 5.25
CA LEU B 102 7.94 28.06 6.48
C LEU B 102 6.99 28.12 7.67
N MET B 103 7.28 27.31 8.68
CA MET B 103 6.47 27.33 9.89
C MET B 103 7.40 27.49 11.07
N LYS B 104 7.18 28.52 11.88
CA LYS B 104 7.95 28.70 13.11
C LYS B 104 7.24 28.00 14.27
N LEU B 105 7.97 27.14 14.98
CA LEU B 105 7.40 26.41 16.11
C LEU B 105 7.36 27.27 17.36
N LYS B 106 6.40 26.97 18.24
CA LYS B 106 6.20 27.73 19.46
C LYS B 106 7.37 27.61 20.45
N LYS B 107 7.84 26.39 20.66
CA LYS B 107 9.02 26.15 21.51
C LYS B 107 10.04 25.38 20.69
N PRO B 108 11.34 25.57 21.00
CA PRO B 108 12.33 24.79 20.28
C PRO B 108 12.18 23.30 20.59
N VAL B 109 12.53 22.46 19.63
CA VAL B 109 12.55 21.02 19.85
C VAL B 109 13.98 20.58 20.18
N ALA B 110 14.09 19.55 21.01
CA ALA B 110 15.36 18.90 21.22
C ALA B 110 15.47 17.72 20.24
N PHE B 111 16.66 17.54 19.69
CA PHE B 111 16.89 16.45 18.74
C PHE B 111 17.12 15.14 19.46
N SER B 112 16.87 14.03 18.75
CA SER B 112 16.96 12.70 19.32
C SER B 112 17.35 11.71 18.23
N ASP B 113 17.32 10.42 18.58
CA ASP B 113 17.47 9.34 17.61
C ASP B 113 16.51 9.48 16.43
N TYR B 114 15.31 10.00 16.69
CA TYR B 114 14.20 9.97 15.74
C TYR B 114 13.86 11.33 15.18
N ILE B 115 14.47 12.36 15.75
CA ILE B 115 14.15 13.75 15.45
C ILE B 115 15.47 14.46 15.21
N HIS B 116 15.70 14.91 13.98
CA HIS B 116 16.94 15.59 13.61
C HIS B 116 16.70 16.44 12.37
N PRO B 117 17.31 17.64 12.31
CA PRO B 117 17.06 18.47 11.15
C PRO B 117 17.91 18.04 9.95
N VAL B 118 17.39 18.32 8.76
CA VAL B 118 18.11 18.10 7.49
C VAL B 118 18.88 19.37 7.14
N CYS B 119 20.03 19.22 6.48
CA CYS B 119 20.78 20.38 5.97
C CYS B 119 20.14 21.04 4.77
N LEU B 120 20.25 22.37 4.68
CA LEU B 120 19.96 23.08 3.43
C LEU B 120 21.25 23.23 2.61
N PRO B 121 21.17 23.08 1.28
CA PRO B 121 22.38 23.09 0.44
C PRO B 121 23.05 24.46 0.34
N ASP B 122 24.39 24.46 0.40
CA ASP B 122 25.22 25.58 0.00
C ASP B 122 25.38 25.50 -1.52
N ARG B 123 25.99 26.53 -2.11
CA ARG B 123 26.13 26.60 -3.56
C ARG B 123 26.80 25.38 -4.20
N GLU B 124 27.90 24.90 -3.63
CA GLU B 124 28.60 23.73 -4.22
C GLU B 124 27.77 22.46 -4.09
N THR B 125 27.25 22.21 -2.89
CA THR B 125 26.45 21.01 -2.67
C THR B 125 25.23 21.00 -3.60
N ALA B 126 24.54 22.14 -3.71
CA ALA B 126 23.37 22.23 -4.59
C ALA B 126 23.76 21.96 -6.02
N ALA B 127 24.84 22.61 -6.46
CA ALA B 127 25.32 22.50 -7.83
C ALA B 127 25.74 21.09 -8.19
N SER B 128 26.61 20.52 -7.35
CA SER B 128 27.24 19.24 -7.67
C SER B 128 26.31 18.05 -7.57
N LEU B 129 25.32 18.11 -6.67
CA LEU B 129 24.40 16.98 -6.47
C LEU B 129 23.18 17.05 -7.36
N LEU B 130 22.70 18.26 -7.66
CA LEU B 130 21.53 18.40 -8.51
C LEU B 130 21.93 18.35 -10.00
N GLN B 131 22.22 17.15 -10.49
CA GLN B 131 22.60 16.93 -11.89
C GLN B 131 21.73 15.81 -12.46
N ALA B 132 21.42 15.88 -13.75
CA ALA B 132 20.56 14.86 -14.34
C ALA B 132 21.15 13.48 -14.19
N GLY B 133 20.31 12.50 -13.82
CA GLY B 133 20.80 11.14 -13.58
C GLY B 133 21.18 10.87 -12.14
N TYR B 134 21.55 11.90 -11.39
CA TYR B 134 21.85 11.71 -9.96
C TYR B 134 20.56 11.51 -9.18
N LYS B 135 20.55 10.55 -8.25
CA LYS B 135 19.36 10.15 -7.51
C LYS B 135 19.22 10.83 -6.16
N GLY B 136 17.99 11.19 -5.81
CA GLY B 136 17.67 11.63 -4.46
C GLY B 136 16.58 10.74 -3.89
N ARG B 137 16.18 11.00 -2.65
CA ARG B 137 15.23 10.16 -1.95
C ARG B 137 14.03 10.99 -1.49
N VAL B 138 12.84 10.45 -1.72
CA VAL B 138 11.60 11.11 -1.30
C VAL B 138 10.86 10.18 -0.34
N THR B 139 10.21 10.77 0.67
CA THR B 139 9.54 9.98 1.71
C THR B 139 8.18 10.58 2.03
N GLY B 140 7.29 9.78 2.60
CA GLY B 140 5.98 10.27 2.99
C GLY B 140 4.95 9.19 3.22
N TRP B 141 3.80 9.62 3.73
CA TRP B 141 2.70 8.71 4.08
C TRP B 141 1.53 8.79 3.09
N GLY B 142 1.76 9.42 1.94
CA GLY B 142 0.73 9.66 0.94
C GLY B 142 0.40 8.41 0.14
N ASN B 143 -0.39 8.58 -0.92
CA ASN B 143 -0.99 7.45 -1.63
C ASN B 143 0.02 6.47 -2.26
N LEU B 144 -0.29 5.18 -2.14
CA LEU B 144 0.58 4.13 -2.68
C LEU B 144 0.35 3.97 -4.18
N LYS B 145 -0.68 4.65 -4.69
CA LYS B 145 -1.00 4.63 -6.11
C LYS B 145 -1.94 5.78 -6.44
N GLU B 146 -2.00 6.12 -7.71
CA GLU B 146 -2.97 7.09 -8.20
C GLU B 146 -4.37 6.58 -7.88
N THR B 147 -5.13 7.37 -7.12
CA THR B 147 -6.54 7.06 -6.84
C THR B 147 -7.36 8.33 -6.71
N TRP B 148 -8.65 8.21 -7.02
CA TRP B 148 -9.63 9.30 -6.88
C TRP B 148 -10.60 8.97 -5.74
N GLY B 155 -6.06 4.10 -0.59
CA GLY B 155 -4.81 3.36 -0.77
C GLY B 155 -3.63 4.01 -0.08
N GLN B 156 -3.61 3.93 1.26
CA GLN B 156 -2.58 4.54 2.10
C GLN B 156 -1.77 3.50 2.90
N PRO B 157 -0.48 3.78 3.17
CA PRO B 157 0.39 2.87 3.96
C PRO B 157 0.30 3.07 5.48
N SER B 158 0.66 2.05 6.23
CA SER B 158 0.67 2.10 7.69
C SER B 158 1.87 2.84 8.24
N VAL B 159 2.93 2.85 7.44
CA VAL B 159 4.27 3.18 7.88
C VAL B 159 4.92 4.03 6.80
N LEU B 160 5.80 4.95 7.21
CA LEU B 160 6.51 5.85 6.30
C LEU B 160 7.13 5.10 5.12
N GLN B 161 6.92 5.64 3.92
CA GLN B 161 7.44 5.06 2.68
C GLN B 161 8.60 5.88 2.13
N VAL B 162 9.50 5.21 1.41
CA VAL B 162 10.69 5.84 0.84
C VAL B 162 10.88 5.36 -0.61
N VAL B 163 11.31 6.26 -1.50
CA VAL B 163 11.71 5.85 -2.87
C VAL B 163 12.91 6.67 -3.35
N ASN B 164 13.84 6.03 -4.05
CA ASN B 164 14.93 6.78 -4.68
C ASN B 164 14.62 7.05 -6.15
N LEU B 165 14.89 8.27 -6.60
CA LEU B 165 14.51 8.73 -7.93
C LEU B 165 15.56 9.64 -8.57
N PRO B 166 15.87 9.42 -9.86
CA PRO B 166 16.85 10.25 -10.56
C PRO B 166 16.30 11.60 -10.98
N ILE B 167 17.14 12.64 -10.88
CA ILE B 167 16.86 13.95 -11.43
C ILE B 167 16.83 13.85 -12.97
N VAL B 168 15.90 14.57 -13.59
CA VAL B 168 15.69 14.56 -15.04
C VAL B 168 16.17 15.87 -15.65
N GLU B 169 16.81 15.79 -16.81
CA GLU B 169 17.18 16.95 -17.65
C GLU B 169 16.00 17.92 -17.84
N ARG B 170 16.29 19.21 -17.80
CA ARG B 170 15.23 20.21 -17.89
C ARG B 170 14.44 20.13 -19.23
N PRO B 171 15.15 20.00 -20.38
CA PRO B 171 14.39 19.85 -21.65
C PRO B 171 13.42 18.66 -21.65
N VAL B 172 13.78 17.58 -20.98
CA VAL B 172 12.88 16.44 -20.85
C VAL B 172 11.70 16.76 -19.91
N CYS B 173 11.99 17.42 -18.78
CA CYS B 173 10.92 17.91 -17.88
C CYS B 173 9.96 18.84 -18.63
N LYS B 174 10.50 19.77 -19.41
CA LYS B 174 9.66 20.67 -20.22
C LYS B 174 8.78 19.92 -21.21
N ASP B 175 9.35 18.97 -21.95
CA ASP B 175 8.60 18.20 -22.95
C ASP B 175 7.49 17.29 -22.39
N SER B 176 7.61 16.92 -21.11
CA SER B 176 6.70 16.00 -20.44
C SER B 176 5.30 16.56 -20.15
N THR B 177 5.17 17.88 -20.16
CA THR B 177 3.96 18.55 -19.64
C THR B 177 3.52 19.79 -20.41
N ARG B 178 2.21 20.05 -20.36
CA ARG B 178 1.56 21.20 -21.01
C ARG B 178 1.57 22.45 -20.14
N ILE B 179 1.85 22.26 -18.87
CA ILE B 179 1.85 23.33 -17.88
C ILE B 179 3.15 24.14 -18.03
N ARG B 180 3.05 25.47 -17.89
CA ARG B 180 4.23 26.31 -17.86
C ARG B 180 5.05 26.00 -16.59
N ILE B 181 6.30 25.59 -16.77
CA ILE B 181 7.16 25.34 -15.62
C ILE B 181 8.23 26.42 -15.52
N THR B 182 8.78 26.60 -14.32
CA THR B 182 9.71 27.67 -14.04
C THR B 182 11.06 27.11 -13.56
N ASP B 183 12.04 28.00 -13.46
CA ASP B 183 13.35 27.66 -12.88
C ASP B 183 13.27 27.31 -11.38
N ASN B 184 12.13 27.58 -10.73
CA ASN B 184 11.95 27.28 -9.30
C ASN B 184 11.41 25.86 -9.06
N MET B 185 11.40 25.06 -10.13
CA MET B 185 10.93 23.68 -10.10
C MET B 185 11.99 22.79 -10.74
N PHE B 186 12.16 21.59 -10.22
CA PHE B 186 12.84 20.55 -10.98
C PHE B 186 11.98 19.29 -10.99
N CYS B 187 12.34 18.36 -11.84
CA CYS B 187 11.54 17.15 -11.94
C CYS B 187 12.42 15.91 -11.78
N ALA B 188 11.83 14.85 -11.24
CA ALA B 188 12.55 13.62 -11.00
C ALA B 188 11.67 12.41 -11.28
N GLY B 189 12.32 11.31 -11.65
CA GLY B 189 11.68 10.03 -11.91
C GLY B 189 12.31 9.34 -13.11
N TYR B 190 11.94 8.09 -13.35
CA TYR B 190 12.49 7.33 -14.46
C TYR B 190 11.79 7.61 -15.80
N LYS B 191 12.58 7.66 -16.87
CA LYS B 191 12.07 7.78 -18.23
C LYS B 191 11.41 6.47 -18.66
N PRO B 192 10.55 6.51 -19.69
CA PRO B 192 9.91 5.28 -20.17
C PRO B 192 10.90 4.15 -20.51
N ASP B 193 11.94 4.47 -21.27
CA ASP B 193 12.89 3.44 -21.70
C ASP B 193 13.98 3.11 -20.68
N GLU B 194 13.89 3.71 -19.49
CA GLU B 194 14.70 3.31 -18.34
C GLU B 194 14.01 2.21 -17.54
N GLY B 195 12.75 1.94 -17.88
CA GLY B 195 12.04 0.77 -17.37
C GLY B 195 11.54 0.87 -15.94
N LYS B 196 12.37 1.39 -15.05
CA LYS B 196 12.08 1.45 -13.61
C LYS B 196 10.95 2.42 -13.26
N ARG B 197 10.38 2.27 -12.06
CA ARG B 197 9.19 3.04 -11.67
C ARG B 197 9.35 3.69 -10.30
N GLY B 198 8.46 4.65 -10.01
CA GLY B 198 8.48 5.34 -8.72
C GLY B 198 8.11 6.82 -8.84
N ASP B 199 7.40 7.32 -7.83
CA ASP B 199 6.95 8.72 -7.80
C ASP B 199 6.42 9.04 -6.42
N ALA B 200 6.24 10.34 -6.15
CA ALA B 200 5.44 10.75 -5.01
C ALA B 200 3.98 10.83 -5.47
N CYS B 201 3.06 11.04 -4.52
CA CYS B 201 1.64 11.09 -4.84
C CYS B 201 0.89 11.96 -3.81
N GLU B 202 -0.44 12.01 -3.92
CA GLU B 202 -1.28 12.81 -3.02
C GLU B 202 -1.07 12.47 -1.55
N GLY B 203 -0.84 13.49 -0.73
CA GLY B 203 -0.51 13.30 0.68
C GLY B 203 0.98 13.34 0.99
N ASP B 204 1.81 13.27 -0.06
CA ASP B 204 3.27 13.42 0.07
C ASP B 204 3.78 14.86 -0.05
N ALA B 205 2.94 15.78 -0.56
CA ALA B 205 3.38 17.17 -0.78
C ALA B 205 3.95 17.79 0.50
N GLY B 206 4.97 18.63 0.34
CA GLY B 206 5.62 19.25 1.48
C GLY B 206 6.80 18.46 2.03
N GLY B 207 6.78 17.16 1.78
CA GLY B 207 7.90 16.27 2.11
C GLY B 207 9.19 16.55 1.33
N PRO B 208 10.33 16.16 1.93
CA PRO B 208 11.65 16.48 1.39
C PRO B 208 12.14 15.52 0.30
N PHE B 209 12.78 16.07 -0.74
CA PHE B 209 13.59 15.29 -1.68
C PHE B 209 15.02 15.51 -1.19
N VAL B 210 15.66 14.44 -0.70
CA VAL B 210 16.99 14.57 -0.06
C VAL B 210 18.10 13.85 -0.84
N MET B 211 19.34 14.30 -0.64
CA MET B 211 20.51 13.68 -1.26
C MET B 211 21.63 13.64 -0.21
N LYS B 212 22.40 12.57 -0.24
CA LYS B 212 23.48 12.43 0.74
C LYS B 212 24.82 12.88 0.15
N SER B 213 25.41 13.94 0.72
CA SER B 213 26.68 14.46 0.23
C SER B 213 27.84 13.51 0.56
N PRO B 214 28.56 13.07 -0.47
CA PRO B 214 29.78 12.28 -0.26
C PRO B 214 30.91 13.11 0.39
N PHE B 215 30.82 14.43 0.33
CA PHE B 215 31.86 15.30 0.92
C PHE B 215 31.89 15.28 2.45
N ASN B 216 30.73 15.22 3.09
CA ASN B 216 30.67 15.28 4.56
C ASN B 216 29.71 14.27 5.19
N ASN B 217 29.15 13.40 4.34
CA ASN B 217 28.24 12.34 4.80
C ASN B 217 26.93 12.83 5.40
N ARG B 218 26.58 14.10 5.16
CA ARG B 218 25.32 14.67 5.64
C ARG B 218 24.22 14.68 4.56
N TRP B 219 23.00 14.53 5.01
CA TRP B 219 21.83 14.58 4.14
C TRP B 219 21.40 16.03 3.95
N TYR B 220 21.07 16.37 2.71
CA TYR B 220 20.68 17.73 2.34
C TYR B 220 19.31 17.67 1.65
N GLN B 221 18.47 18.68 1.88
CA GLN B 221 17.19 18.76 1.18
C GLN B 221 17.28 19.65 -0.07
N MET B 222 17.11 19.03 -1.23
CA MET B 222 17.20 19.71 -2.53
C MET B 222 15.83 20.13 -3.03
N GLY B 223 14.78 19.38 -2.66
CA GLY B 223 13.46 19.61 -3.21
C GLY B 223 12.35 19.43 -2.21
N ILE B 224 11.18 19.96 -2.55
CA ILE B 224 9.96 19.77 -1.76
C ILE B 224 8.92 19.18 -2.71
N VAL B 225 8.33 18.04 -2.34
CA VAL B 225 7.28 17.43 -3.18
C VAL B 225 6.19 18.48 -3.43
N SER B 226 5.95 18.78 -4.71
CA SER B 226 4.96 19.80 -5.08
C SER B 226 3.76 19.25 -5.89
N TRP B 227 3.97 18.83 -7.14
CA TRP B 227 2.82 18.39 -7.97
C TRP B 227 3.20 17.36 -9.02
N GLY B 228 2.20 16.84 -9.70
CA GLY B 228 2.40 15.98 -10.85
C GLY B 228 1.12 15.93 -11.65
N GLU B 229 1.12 15.12 -12.69
CA GLU B 229 -0.13 14.81 -13.38
C GLU B 229 -0.38 13.33 -13.15
N GLY B 230 -1.34 13.04 -12.27
CA GLY B 230 -1.50 11.69 -11.72
C GLY B 230 -0.28 11.29 -10.91
N CYS B 231 -0.01 9.99 -10.84
CA CYS B 231 1.14 9.46 -10.08
C CYS B 231 1.72 8.27 -10.82
N ASP B 232 3.04 8.30 -11.02
CA ASP B 232 3.80 7.20 -11.67
C ASP B 232 3.32 6.82 -13.08
N ARG B 233 3.02 7.83 -13.89
CA ARG B 233 2.64 7.58 -15.29
C ARG B 233 3.84 7.59 -16.23
N ASP B 234 3.77 6.79 -17.28
CA ASP B 234 4.84 6.72 -18.28
C ASP B 234 4.97 8.05 -19.00
N GLY B 235 6.20 8.56 -19.08
CA GLY B 235 6.47 9.82 -19.76
C GLY B 235 6.13 11.06 -18.94
N LYS B 236 5.79 10.84 -17.67
CA LYS B 236 5.48 11.93 -16.75
C LYS B 236 6.44 11.91 -15.57
N TYR B 237 6.65 13.06 -14.95
CA TYR B 237 7.60 13.18 -13.84
C TYR B 237 7.00 13.94 -12.67
N GLY B 238 7.54 13.72 -11.48
CA GLY B 238 7.10 14.49 -10.33
C GLY B 238 7.78 15.83 -10.35
N PHE B 239 7.07 16.87 -9.92
CA PHE B 239 7.69 18.17 -9.78
C PHE B 239 7.94 18.55 -8.34
N TYR B 240 9.07 19.20 -8.13
CA TYR B 240 9.61 19.52 -6.81
C TYR B 240 10.00 20.98 -6.74
N THR B 241 9.70 21.63 -5.61
CA THR B 241 10.16 22.99 -5.39
C THR B 241 11.68 22.98 -5.22
N HIS B 242 12.35 23.88 -5.94
CA HIS B 242 13.80 23.93 -6.01
C HIS B 242 14.29 24.72 -4.80
N VAL B 243 14.64 24.00 -3.74
CA VAL B 243 15.00 24.60 -2.46
C VAL B 243 16.15 25.61 -2.56
N PHE B 244 17.26 25.22 -3.19
CA PHE B 244 18.40 26.17 -3.34
C PHE B 244 18.02 27.48 -4.01
N ARG B 245 17.27 27.40 -5.11
CA ARG B 245 16.81 28.62 -5.79
C ARG B 245 16.06 29.57 -4.86
N LEU B 246 15.41 29.02 -3.84
CA LEU B 246 14.58 29.80 -2.94
C LEU B 246 15.26 29.99 -1.57
N LYS B 247 16.54 29.63 -1.47
CA LYS B 247 17.28 29.72 -0.20
C LYS B 247 17.35 31.15 0.35
N LYS B 248 17.51 32.14 -0.53
CA LYS B 248 17.58 33.55 -0.13
C LYS B 248 16.33 33.96 0.63
N TRP B 249 15.18 33.58 0.09
CA TRP B 249 13.91 33.80 0.77
C TRP B 249 13.88 33.12 2.15
N ILE B 250 14.25 31.84 2.21
CA ILE B 250 14.28 31.11 3.49
C ILE B 250 15.14 31.86 4.51
N GLN B 251 16.33 32.27 4.09
CA GLN B 251 17.28 32.98 4.95
C GLN B 251 16.68 34.31 5.42
N LYS B 252 16.09 35.05 4.49
CA LYS B 252 15.43 36.33 4.77
C LYS B 252 14.35 36.17 5.85
N VAL B 253 13.52 35.12 5.73
CA VAL B 253 12.42 34.90 6.69
C VAL B 253 12.94 34.55 8.08
N ILE B 254 13.90 33.62 8.12
CA ILE B 254 14.52 33.21 9.38
C ILE B 254 15.34 34.36 10.00
N ASP B 255 15.93 35.19 9.14
CA ASP B 255 16.64 36.41 9.56
C ASP B 255 15.67 37.40 10.20
N GLN B 256 14.66 37.79 9.44
CA GLN B 256 13.67 38.78 9.87
C GLN B 256 12.87 38.35 11.10
N PHE B 257 12.34 37.14 11.07
CA PHE B 257 11.31 36.75 12.03
C PHE B 257 11.76 35.72 13.08
N GLY B 258 13.00 35.26 12.96
CA GLY B 258 13.58 34.36 13.94
C GLY B 258 14.19 35.15 15.09
N GLY C 1 -14.34 -28.16 12.10
CA GLY C 1 -15.32 -27.09 12.47
C GLY C 1 -16.47 -27.00 11.50
N GLU C 2 -17.58 -27.64 11.86
CA GLU C 2 -18.78 -27.62 11.03
C GLU C 2 -19.90 -26.85 11.74
N ALA C 3 -20.39 -27.40 12.86
CA ALA C 3 -21.60 -26.89 13.54
C ALA C 3 -21.55 -25.38 13.77
N ASP C 4 -20.34 -24.92 14.04
CA ASP C 4 -20.04 -23.57 14.47
C ASP C 4 -19.53 -22.67 13.32
N CYS C 5 -19.33 -23.27 12.14
CA CYS C 5 -18.65 -22.59 11.04
C CYS C 5 -19.30 -21.25 10.69
N GLY C 6 -18.46 -20.30 10.29
CA GLY C 6 -18.91 -19.02 9.78
C GLY C 6 -19.49 -18.06 10.81
N LEU C 7 -19.53 -18.46 12.08
CA LEU C 7 -19.93 -17.56 13.18
C LEU C 7 -18.70 -17.05 13.95
N ARG C 8 -18.34 -15.79 13.77
CA ARG C 8 -17.08 -15.29 14.36
C ARG C 8 -17.24 -15.06 15.87
N PRO C 9 -16.29 -15.58 16.66
CA PRO C 9 -16.28 -15.38 18.11
C PRO C 9 -16.45 -13.92 18.50
N LEU C 10 -15.76 -13.03 17.80
CA LEU C 10 -15.76 -11.61 18.19
C LEU C 10 -16.88 -10.77 17.53
N PHE C 11 -17.67 -11.41 16.68
CA PHE C 11 -18.75 -10.73 15.98
C PHE C 11 -20.11 -11.43 16.16
N GLU C 12 -20.47 -12.34 15.25
CA GLU C 12 -21.76 -13.05 15.34
C GLU C 12 -22.08 -13.61 16.73
N LYS C 13 -21.11 -14.27 17.34
CA LYS C 13 -21.29 -14.89 18.67
C LYS C 13 -21.49 -13.86 19.78
N LYS C 14 -21.10 -12.60 19.54
CA LYS C 14 -21.26 -11.53 20.52
C LYS C 14 -22.40 -10.58 20.14
N SER C 15 -23.11 -10.89 19.06
CA SER C 15 -24.11 -9.98 18.46
C SER C 15 -23.54 -8.62 18.05
N LEU C 16 -22.28 -8.62 17.60
CA LEU C 16 -21.61 -7.43 17.12
C LEU C 16 -21.49 -7.50 15.60
N GLU C 17 -21.57 -6.35 14.94
CA GLU C 17 -21.37 -6.28 13.51
C GLU C 17 -20.03 -5.59 13.23
N ASP C 18 -19.37 -6.02 12.16
CA ASP C 18 -18.14 -5.37 11.71
C ASP C 18 -18.49 -4.13 10.88
N LYS C 19 -17.50 -3.30 10.57
CA LYS C 19 -17.76 -1.96 10.05
C LYS C 19 -18.24 -1.87 8.60
N THR C 20 -18.12 -2.95 7.83
CA THR C 20 -18.55 -2.88 6.43
C THR C 20 -19.49 -4.01 5.99
N GLU C 21 -19.81 -4.94 6.88
CA GLU C 21 -20.72 -6.02 6.47
C GLU C 21 -22.09 -5.55 5.97
N ARG C 22 -22.56 -4.39 6.45
CA ARG C 22 -23.87 -3.87 6.05
C ARG C 22 -23.87 -3.59 4.54
N GLU C 23 -22.71 -3.19 4.00
CA GLU C 23 -22.57 -2.93 2.56
C GLU C 23 -22.95 -4.18 1.74
N LEU C 24 -22.64 -5.36 2.26
CA LEU C 24 -22.94 -6.61 1.56
C LEU C 24 -24.46 -6.84 1.56
N LEU C 25 -25.08 -6.70 2.72
CA LEU C 25 -26.51 -6.91 2.89
C LEU C 25 -27.31 -5.92 2.04
N GLU C 26 -26.87 -4.67 2.00
CA GLU C 26 -27.52 -3.67 1.13
C GLU C 26 -27.52 -4.14 -0.32
N SER C 27 -26.40 -4.72 -0.76
CA SER C 27 -26.29 -5.19 -2.13
C SER C 27 -27.26 -6.37 -2.40
N TYR C 28 -27.57 -7.18 -1.38
CA TYR C 28 -28.47 -8.35 -1.55
C TYR C 28 -29.93 -7.92 -1.63
N ILE C 29 -30.23 -6.78 -0.99
CA ILE C 29 -31.61 -6.30 -0.86
C ILE C 29 -31.94 -5.21 -1.86
N ASP C 30 -31.02 -4.26 -2.05
CA ASP C 30 -31.29 -3.09 -2.87
C ASP C 30 -30.01 -2.56 -3.48
N GLY C 31 -29.70 -2.96 -4.70
CA GLY C 31 -28.55 -2.42 -5.40
C GLY C 31 -28.74 -1.09 -6.11
N ARG C 32 -29.89 -0.43 -5.90
CA ARG C 32 -30.17 0.87 -6.54
C ARG C 32 -29.40 2.00 -5.85
N ILE D 1 -4.19 -7.04 -1.97
CA ILE D 1 -5.52 -6.36 -2.08
C ILE D 1 -5.29 -4.89 -2.44
N VAL D 2 -5.91 -4.47 -3.54
CA VAL D 2 -5.81 -3.12 -4.05
C VAL D 2 -7.07 -2.38 -3.62
N GLU D 3 -6.87 -1.16 -3.12
CA GLU D 3 -7.96 -0.27 -2.68
C GLU D 3 -8.84 -0.89 -1.60
N GLY D 4 -8.22 -1.63 -0.70
CA GLY D 4 -8.93 -2.18 0.44
C GLY D 4 -8.67 -1.43 1.73
N SER D 5 -9.15 -1.99 2.84
CA SER D 5 -9.03 -1.37 4.15
C SER D 5 -8.33 -2.34 5.08
N ASP D 6 -7.80 -1.85 6.21
CA ASP D 6 -7.30 -2.69 7.28
C ASP D 6 -8.43 -3.52 7.86
N ALA D 7 -8.22 -4.82 8.02
CA ALA D 7 -9.19 -5.66 8.71
C ALA D 7 -9.28 -5.26 10.18
N GLU D 8 -10.47 -5.39 10.76
CA GLU D 8 -10.65 -5.30 12.22
C GLU D 8 -10.14 -6.58 12.88
N ILE D 9 -9.81 -6.50 14.17
CA ILE D 9 -9.40 -7.68 14.95
C ILE D 9 -10.48 -8.77 14.94
N GLY D 10 -10.10 -9.98 14.52
CA GLY D 10 -11.01 -11.15 14.48
C GLY D 10 -12.08 -11.15 13.39
N MET D 11 -11.90 -10.27 12.40
CA MET D 11 -12.86 -10.06 11.33
C MET D 11 -12.84 -11.21 10.33
N SER D 12 -11.67 -11.83 10.21
CA SER D 12 -11.49 -12.91 9.25
C SER D 12 -10.72 -14.07 9.93
N PRO D 13 -11.35 -14.74 10.91
CA PRO D 13 -10.61 -15.70 11.74
C PRO D 13 -10.26 -17.00 11.02
N TRP D 14 -10.77 -17.17 9.81
CA TRP D 14 -10.46 -18.33 8.95
C TRP D 14 -9.29 -18.02 8.01
N GLN D 15 -8.70 -16.82 8.13
CA GLN D 15 -7.61 -16.43 7.25
C GLN D 15 -6.36 -17.26 7.51
N VAL D 16 -5.73 -17.71 6.43
CA VAL D 16 -4.51 -18.52 6.51
C VAL D 16 -3.45 -17.97 5.55
N MET D 17 -2.21 -17.88 6.01
CA MET D 17 -1.09 -17.49 5.15
C MET D 17 -0.23 -18.71 4.81
N LEU D 18 0.04 -18.91 3.52
CA LEU D 18 0.90 -20.00 3.05
C LEU D 18 2.32 -19.48 2.81
N PHE D 19 3.28 -20.08 3.51
CA PHE D 19 4.68 -19.68 3.42
C PHE D 19 5.59 -20.74 2.80
N ARG D 20 6.58 -20.29 2.06
CA ARG D 20 7.72 -21.10 1.69
C ARG D 20 8.72 -21.07 2.86
N LYS D 21 9.33 -22.21 3.16
CA LYS D 21 10.32 -22.29 4.25
C LYS D 21 11.64 -21.61 3.93
N SER D 22 12.21 -21.95 2.78
CA SER D 22 13.56 -21.53 2.41
C SER D 22 13.64 -21.00 0.98
N PRO D 23 13.87 -19.69 0.83
CA PRO D 23 13.88 -18.73 1.94
C PRO D 23 12.46 -18.42 2.44
N GLN D 24 12.36 -17.96 3.69
CA GLN D 24 11.09 -17.60 4.31
C GLN D 24 10.38 -16.57 3.42
N GLU D 25 9.26 -16.97 2.82
CA GLU D 25 8.60 -16.18 1.80
C GLU D 25 7.11 -16.41 1.80
N LEU D 26 6.34 -15.31 1.89
CA LEU D 26 4.90 -15.39 1.78
C LEU D 26 4.51 -15.68 0.33
N LEU D 27 3.80 -16.78 0.15
CA LEU D 27 3.40 -17.23 -1.17
C LEU D 27 1.97 -16.89 -1.56
N CYS D 28 1.03 -17.11 -0.65
CA CYS D 28 -0.39 -17.18 -1.02
C CYS D 28 -1.27 -17.07 0.22
N GLY D 29 -2.56 -16.84 -0.02
CA GLY D 29 -3.57 -16.89 1.01
C GLY D 29 -4.17 -18.28 1.01
N ALA D 30 -5.07 -18.51 1.97
CA ALA D 30 -5.74 -19.77 2.14
C ALA D 30 -6.81 -19.57 3.22
N SER D 31 -7.67 -20.57 3.40
CA SER D 31 -8.75 -20.47 4.38
C SER D 31 -8.89 -21.71 5.22
N LEU D 32 -9.30 -21.53 6.48
CA LEU D 32 -9.47 -22.62 7.41
C LEU D 32 -10.90 -23.16 7.32
N ILE D 33 -11.05 -24.42 6.94
CA ILE D 33 -12.40 -25.03 6.83
C ILE D 33 -12.76 -26.06 7.92
N SER D 34 -11.76 -26.58 8.62
CA SER D 34 -11.94 -27.39 9.84
C SER D 34 -10.63 -27.27 10.61
N ASP D 35 -10.49 -27.94 11.76
CA ASP D 35 -9.23 -27.83 12.50
C ASP D 35 -8.03 -28.49 11.85
N ARG D 36 -8.27 -29.27 10.80
CA ARG D 36 -7.19 -30.01 10.14
C ARG D 36 -7.03 -29.72 8.66
N TRP D 37 -7.97 -28.95 8.09
CA TRP D 37 -8.03 -28.75 6.65
C TRP D 37 -8.02 -27.30 6.21
N VAL D 38 -7.16 -27.01 5.23
CA VAL D 38 -6.98 -25.66 4.69
C VAL D 38 -7.24 -25.70 3.19
N LEU D 39 -8.02 -24.74 2.70
CA LEU D 39 -8.38 -24.61 1.30
C LEU D 39 -7.54 -23.50 0.69
N THR D 40 -6.98 -23.75 -0.49
CA THR D 40 -6.18 -22.74 -1.20
C THR D 40 -6.36 -22.90 -2.73
N ALA D 41 -5.62 -22.13 -3.52
CA ALA D 41 -5.63 -22.34 -4.97
C ALA D 41 -4.55 -23.35 -5.40
N ALA D 42 -4.82 -24.14 -6.43
CA ALA D 42 -3.89 -25.17 -6.89
C ALA D 42 -2.56 -24.55 -7.35
N HIS D 43 -2.61 -23.39 -8.00
CA HIS D 43 -1.43 -22.80 -8.61
C HIS D 43 -0.44 -22.23 -7.59
N CYS D 44 -0.92 -22.04 -6.35
CA CYS D 44 -0.06 -21.72 -5.21
C CYS D 44 0.93 -22.86 -4.88
N LEU D 45 0.56 -24.07 -5.26
CA LEU D 45 1.31 -25.28 -4.96
C LEU D 45 1.99 -25.88 -6.19
N LEU D 46 1.31 -25.78 -7.32
CA LEU D 46 1.78 -26.36 -8.57
C LEU D 46 1.47 -25.43 -9.72
N TYR D 47 2.54 -24.88 -10.29
CA TYR D 47 2.45 -24.05 -11.49
C TYR D 47 3.74 -24.22 -12.28
N PRO D 48 3.74 -25.19 -13.21
CA PRO D 48 4.95 -25.53 -13.95
C PRO D 48 5.61 -24.40 -14.75
N PRO D 49 4.83 -23.45 -15.30
CA PRO D 49 5.51 -22.36 -16.02
C PRO D 49 6.43 -21.52 -15.14
N TRP D 50 6.15 -21.46 -13.84
CA TRP D 50 7.03 -20.76 -12.89
C TRP D 50 7.93 -21.74 -12.16
N ASP D 51 8.01 -22.96 -12.67
CA ASP D 51 8.86 -24.01 -12.10
C ASP D 51 8.48 -24.24 -10.62
N LYS D 52 7.19 -24.12 -10.34
CA LYS D 52 6.65 -24.29 -9.00
C LYS D 52 5.99 -25.66 -8.85
N ASN D 53 6.53 -26.46 -7.94
CA ASN D 53 5.99 -27.80 -7.64
C ASN D 53 6.37 -28.17 -6.22
N PHE D 54 5.65 -27.61 -5.26
CA PHE D 54 5.98 -27.75 -3.85
C PHE D 54 5.51 -29.06 -3.25
N THR D 55 6.36 -29.65 -2.42
CA THR D 55 5.98 -30.79 -1.59
C THR D 55 5.57 -30.31 -0.18
N GLU D 56 5.01 -31.22 0.61
CA GLU D 56 4.52 -30.90 1.95
C GLU D 56 5.60 -30.23 2.81
N ASN D 57 6.82 -30.77 2.74
CA ASN D 57 7.95 -30.30 3.55
C ASN D 57 8.55 -28.95 3.13
N ASP D 58 8.16 -28.43 1.96
CA ASP D 58 8.62 -27.12 1.51
C ASP D 58 7.87 -25.95 2.14
N LEU D 59 6.78 -26.25 2.85
CA LEU D 59 5.82 -25.22 3.22
C LEU D 59 5.44 -25.19 4.70
N LEU D 60 4.85 -24.07 5.10
CA LEU D 60 4.17 -23.96 6.38
C LEU D 60 3.03 -22.95 6.26
N VAL D 61 2.11 -23.01 7.21
CA VAL D 61 1.00 -22.06 7.25
C VAL D 61 1.01 -21.28 8.56
N ARG D 62 0.60 -20.02 8.48
CA ARG D 62 0.37 -19.23 9.69
C ARG D 62 -1.10 -18.89 9.77
N ILE D 63 -1.68 -19.12 10.95
CA ILE D 63 -3.12 -19.01 11.16
C ILE D 63 -3.40 -18.07 12.34
N GLY D 64 -4.37 -17.17 12.17
CA GLY D 64 -4.75 -16.22 13.22
C GLY D 64 -4.03 -14.88 13.17
N LYS D 65 -3.24 -14.63 12.13
CA LYS D 65 -2.41 -13.43 12.06
C LYS D 65 -3.19 -12.19 11.61
N HIS D 66 -3.01 -11.10 12.35
CA HIS D 66 -3.71 -9.85 12.09
C HIS D 66 -2.76 -8.75 11.62
N SER D 67 -1.65 -8.61 12.34
CA SER D 67 -0.72 -7.49 12.20
C SER D 67 0.72 -7.97 12.02
N ARG D 68 1.58 -7.09 11.51
CA ARG D 68 2.95 -7.45 11.15
C ARG D 68 4.05 -6.50 11.66
N THR D 69 4.28 -5.37 10.97
CA THR D 69 5.47 -4.52 11.21
C THR D 69 5.85 -4.33 12.69
N ARG D 70 5.01 -3.67 13.49
CA ARG D 70 5.18 -3.73 14.94
C ARG D 70 4.63 -5.08 15.36
N TYR D 71 5.55 -6.02 15.57
CA TYR D 71 5.24 -7.45 15.58
C TYR D 71 4.06 -7.86 16.45
N GLU D 72 3.09 -8.53 15.82
CA GLU D 72 1.97 -9.14 16.51
C GLU D 72 2.45 -10.49 17.05
N ARG D 73 3.20 -10.44 18.14
CA ARG D 73 3.93 -11.58 18.69
C ARG D 73 3.01 -12.66 19.26
N ASN D 74 3.23 -13.90 18.82
CA ASN D 74 2.54 -15.09 19.35
C ASN D 74 1.03 -15.20 19.07
N ILE D 75 0.50 -14.22 18.34
CA ILE D 75 -0.92 -14.20 17.98
C ILE D 75 -1.24 -15.17 16.83
N GLU D 76 -0.20 -15.59 16.08
CA GLU D 76 -0.40 -16.55 15.01
C GLU D 76 0.17 -17.94 15.33
N LYS D 77 -0.65 -18.97 15.11
CA LYS D 77 -0.22 -20.36 15.20
C LYS D 77 0.52 -20.74 13.92
N ILE D 78 1.54 -21.57 14.06
CA ILE D 78 2.27 -22.08 12.91
C ILE D 78 2.05 -23.60 12.80
N SER D 79 1.60 -24.07 11.65
CA SER D 79 1.40 -25.52 11.44
C SER D 79 2.22 -26.03 10.26
N MET D 80 2.63 -27.28 10.35
CA MET D 80 3.24 -27.96 9.21
C MET D 80 2.15 -28.75 8.45
N LEU D 81 2.46 -29.17 7.23
CA LEU D 81 1.49 -29.87 6.38
C LEU D 81 1.76 -31.37 6.39
N GLU D 82 0.70 -32.16 6.51
CA GLU D 82 0.79 -33.62 6.40
C GLU D 82 0.70 -34.06 4.94
N LYS D 83 -0.26 -33.48 4.21
CA LYS D 83 -0.55 -33.88 2.83
C LYS D 83 -1.16 -32.73 2.01
N ILE D 84 -0.70 -32.58 0.78
CA ILE D 84 -1.30 -31.68 -0.22
C ILE D 84 -2.19 -32.49 -1.20
N TYR D 85 -3.35 -31.93 -1.57
CA TYR D 85 -4.21 -32.52 -2.60
C TYR D 85 -4.62 -31.47 -3.61
N ILE D 86 -4.21 -31.67 -4.85
CA ILE D 86 -4.54 -30.73 -5.93
C ILE D 86 -5.67 -31.33 -6.76
N HIS D 87 -6.62 -30.50 -7.22
CA HIS D 87 -7.70 -31.03 -8.06
C HIS D 87 -7.11 -31.75 -9.27
N PRO D 88 -7.53 -33.01 -9.52
CA PRO D 88 -6.98 -33.81 -10.60
C PRO D 88 -7.25 -33.26 -12.02
N ARG D 89 -8.28 -32.42 -12.17
CA ARG D 89 -8.59 -31.80 -13.46
C ARG D 89 -8.19 -30.30 -13.51
N TYR D 90 -7.33 -29.87 -12.58
CA TYR D 90 -6.73 -28.55 -12.61
C TYR D 90 -6.00 -28.34 -13.93
N ASN D 91 -6.35 -27.25 -14.62
CA ASN D 91 -5.77 -26.95 -15.94
C ASN D 91 -4.82 -25.76 -15.82
N TRP D 92 -3.52 -26.02 -15.75
CA TRP D 92 -2.51 -24.96 -15.67
C TRP D 92 -2.06 -24.48 -17.05
N ARG D 93 -2.23 -25.34 -18.06
CA ARG D 93 -1.79 -25.05 -19.42
C ARG D 93 -2.51 -23.87 -20.04
N GLU D 94 -3.80 -23.72 -19.75
CA GLU D 94 -4.65 -22.80 -20.52
C GLU D 94 -5.28 -21.63 -19.75
N ASN D 95 -6.08 -21.95 -18.73
CA ASN D 95 -6.91 -20.93 -18.11
C ASN D 95 -7.12 -21.07 -16.61
N LEU D 96 -6.35 -21.94 -15.96
CA LEU D 96 -6.48 -22.17 -14.51
C LEU D 96 -7.86 -22.70 -14.08
N ASP D 97 -8.53 -23.41 -14.98
CA ASP D 97 -9.78 -24.13 -14.65
C ASP D 97 -9.54 -25.07 -13.46
N ARG D 98 -10.49 -25.09 -12.51
CA ARG D 98 -10.42 -25.92 -11.29
C ARG D 98 -9.18 -25.65 -10.44
N ASP D 99 -8.93 -24.35 -10.26
CA ASP D 99 -7.79 -23.86 -9.51
C ASP D 99 -8.06 -23.99 -8.01
N ILE D 100 -7.90 -25.21 -7.50
CA ILE D 100 -8.30 -25.52 -6.12
C ILE D 100 -7.42 -26.61 -5.54
N ALA D 101 -7.06 -26.46 -4.28
CA ALA D 101 -6.26 -27.44 -3.55
C ALA D 101 -6.68 -27.52 -2.10
N LEU D 102 -6.40 -28.65 -1.48
CA LEU D 102 -6.56 -28.85 -0.04
C LEU D 102 -5.24 -29.20 0.60
N MET D 103 -5.02 -28.68 1.79
CA MET D 103 -3.84 -29.00 2.56
C MET D 103 -4.27 -29.50 3.93
N LYS D 104 -3.79 -30.70 4.27
CA LYS D 104 -4.04 -31.27 5.60
C LYS D 104 -2.91 -30.90 6.54
N LEU D 105 -3.26 -30.36 7.70
CA LEU D 105 -2.29 -29.95 8.72
C LEU D 105 -1.75 -31.14 9.51
N LYS D 106 -0.49 -31.04 9.93
CA LYS D 106 0.18 -32.13 10.65
C LYS D 106 -0.40 -32.33 12.05
N LYS D 107 -0.83 -31.24 12.67
CA LYS D 107 -1.55 -31.28 13.95
C LYS D 107 -2.79 -30.39 13.89
N PRO D 108 -3.89 -30.78 14.57
CA PRO D 108 -5.07 -29.90 14.56
C PRO D 108 -4.79 -28.53 15.18
N VAL D 109 -5.33 -27.46 14.61
CA VAL D 109 -5.23 -26.15 15.25
C VAL D 109 -6.43 -25.95 16.19
N ALA D 110 -6.15 -25.48 17.40
CA ALA D 110 -7.20 -25.21 18.39
C ALA D 110 -7.96 -23.94 17.97
N PHE D 111 -9.29 -23.99 18.00
CA PHE D 111 -10.09 -22.81 17.68
C PHE D 111 -10.05 -21.85 18.87
N SER D 112 -10.24 -20.56 18.60
CA SER D 112 -10.20 -19.54 19.65
C SER D 112 -10.96 -18.31 19.18
N ASP D 113 -10.64 -17.14 19.72
CA ASP D 113 -11.28 -15.91 19.24
C ASP D 113 -10.74 -15.48 17.86
N TYR D 114 -9.47 -15.75 17.60
CA TYR D 114 -8.81 -15.30 16.36
C TYR D 114 -8.71 -16.39 15.30
N ILE D 115 -9.02 -17.63 15.69
CA ILE D 115 -8.96 -18.78 14.80
C ILE D 115 -10.29 -19.51 14.83
N HIS D 116 -10.94 -19.56 13.66
CA HIS D 116 -12.30 -20.12 13.55
C HIS D 116 -12.59 -20.42 12.07
N PRO D 117 -13.26 -21.55 11.77
CA PRO D 117 -13.45 -21.91 10.37
C PRO D 117 -14.62 -21.22 9.67
N VAL D 118 -14.49 -21.09 8.35
CA VAL D 118 -15.53 -20.58 7.46
C VAL D 118 -16.41 -21.74 6.96
N CYS D 119 -17.65 -21.46 6.55
CA CYS D 119 -18.52 -22.51 6.03
C CYS D 119 -18.31 -22.70 4.54
N LEU D 120 -18.57 -23.92 4.07
CA LEU D 120 -18.71 -24.19 2.65
C LEU D 120 -20.18 -24.06 2.25
N PRO D 121 -20.45 -23.54 1.04
CA PRO D 121 -21.83 -23.28 0.61
C PRO D 121 -22.64 -24.52 0.25
N ASP D 122 -23.94 -24.49 0.54
CA ASP D 122 -24.88 -25.54 0.15
C ASP D 122 -25.60 -25.06 -1.12
N ARG D 123 -26.49 -25.88 -1.65
CA ARG D 123 -27.21 -25.51 -2.88
C ARG D 123 -27.94 -24.17 -2.83
N GLU D 124 -28.72 -23.94 -1.76
CA GLU D 124 -29.50 -22.69 -1.67
C GLU D 124 -28.59 -21.46 -1.50
N THR D 125 -27.53 -21.61 -0.73
CA THR D 125 -26.62 -20.49 -0.52
C THR D 125 -25.91 -20.12 -1.83
N ALA D 126 -25.44 -21.11 -2.59
CA ALA D 126 -24.84 -20.84 -3.90
C ALA D 126 -25.83 -20.21 -4.87
N ALA D 127 -27.06 -20.72 -4.89
CA ALA D 127 -28.08 -20.21 -5.81
C ALA D 127 -28.40 -18.75 -5.48
N SER D 128 -28.64 -18.50 -4.21
CA SER D 128 -29.23 -17.22 -3.79
C SER D 128 -28.26 -16.08 -3.59
N LEU D 129 -27.03 -16.37 -3.15
CA LEU D 129 -26.04 -15.33 -2.87
C LEU D 129 -25.16 -15.01 -4.08
N LEU D 130 -24.88 -16.02 -4.89
CA LEU D 130 -24.04 -15.83 -6.08
C LEU D 130 -24.83 -15.26 -7.25
N GLN D 131 -25.18 -13.97 -7.16
CA GLN D 131 -25.99 -13.30 -8.19
C GLN D 131 -25.33 -11.99 -8.56
N ALA D 132 -25.41 -11.60 -9.83
CA ALA D 132 -24.76 -10.39 -10.31
C ALA D 132 -25.22 -9.19 -9.49
N GLY D 133 -24.26 -8.35 -9.08
CA GLY D 133 -24.51 -7.19 -8.20
C GLY D 133 -24.36 -7.45 -6.71
N TYR D 134 -24.50 -8.70 -6.29
CA TYR D 134 -24.40 -9.02 -4.87
C TYR D 134 -22.92 -9.03 -4.51
N LYS D 135 -22.56 -8.42 -3.39
CA LYS D 135 -21.16 -8.26 -3.02
C LYS D 135 -20.64 -9.35 -2.08
N GLY D 136 -19.37 -9.69 -2.29
CA GLY D 136 -18.65 -10.56 -1.39
C GLY D 136 -17.43 -9.83 -0.89
N ARG D 137 -16.65 -10.50 -0.06
CA ARG D 137 -15.52 -9.90 0.62
C ARG D 137 -14.26 -10.72 0.36
N VAL D 138 -13.18 -10.04 0.00
CA VAL D 138 -11.90 -10.71 -0.29
C VAL D 138 -10.86 -10.14 0.67
N THR D 139 -9.98 -11.00 1.17
CA THR D 139 -9.00 -10.62 2.15
C THR D 139 -7.65 -11.21 1.78
N GLY D 140 -6.57 -10.51 2.09
CA GLY D 140 -5.24 -11.08 1.88
C GLY D 140 -4.09 -10.15 2.21
N TRP D 141 -2.89 -10.67 2.06
CA TRP D 141 -1.67 -9.97 2.42
C TRP D 141 -0.86 -9.62 1.16
N GLY D 142 -1.49 -9.76 0.00
CA GLY D 142 -0.82 -9.54 -1.30
C GLY D 142 -0.59 -8.08 -1.65
N ASN D 143 -0.15 -7.84 -2.89
CA ASN D 143 0.25 -6.51 -3.34
C ASN D 143 -0.84 -5.48 -3.27
N LEU D 144 -0.47 -4.26 -2.88
CA LEU D 144 -1.40 -3.14 -2.73
C LEU D 144 -1.65 -2.42 -4.06
N LYS D 145 -0.89 -2.79 -5.08
CA LYS D 145 -1.17 -2.34 -6.44
C LYS D 145 -0.43 -3.24 -7.41
N GLU D 146 -0.83 -3.16 -8.68
CA GLU D 146 -0.14 -3.87 -9.75
C GLU D 146 1.34 -3.47 -9.78
N THR D 147 2.21 -4.46 -9.69
CA THR D 147 3.66 -4.19 -9.66
C THR D 147 4.46 -5.37 -10.18
N TRP D 148 5.59 -5.05 -10.81
CA TRP D 148 6.50 -6.06 -11.39
C TRP D 148 7.36 -6.72 -10.31
N GLY D 155 5.79 -3.39 -1.39
CA GLY D 155 4.45 -2.94 -1.78
C GLY D 155 3.39 -3.82 -1.14
N GLN D 156 3.57 -4.05 0.16
CA GLN D 156 2.89 -5.08 0.96
C GLN D 156 2.37 -4.42 2.23
N PRO D 157 1.21 -4.88 2.75
CA PRO D 157 0.63 -4.24 3.94
C PRO D 157 1.17 -4.78 5.28
N SER D 158 1.00 -3.99 6.33
CA SER D 158 1.37 -4.42 7.68
C SER D 158 0.18 -5.02 8.44
N VAL D 159 -1.04 -4.82 7.94
CA VAL D 159 -2.23 -5.40 8.53
C VAL D 159 -3.00 -6.10 7.43
N LEU D 160 -3.67 -7.22 7.76
CA LEU D 160 -4.53 -7.91 6.80
C LEU D 160 -5.46 -6.94 6.06
N GLN D 161 -5.55 -7.07 4.75
CA GLN D 161 -6.38 -6.18 3.93
C GLN D 161 -7.72 -6.80 3.55
N VAL D 162 -8.74 -5.96 3.40
CA VAL D 162 -10.10 -6.39 3.11
C VAL D 162 -10.74 -5.47 2.08
N VAL D 163 -11.44 -6.04 1.12
CA VAL D 163 -12.24 -5.28 0.20
C VAL D 163 -13.54 -5.98 -0.18
N ASN D 164 -14.63 -5.22 -0.30
CA ASN D 164 -15.92 -5.77 -0.70
C ASN D 164 -16.16 -5.49 -2.18
N LEU D 165 -16.55 -6.50 -2.96
CA LEU D 165 -16.65 -6.38 -4.43
C LEU D 165 -17.90 -7.10 -4.96
N PRO D 166 -18.59 -6.52 -5.94
CA PRO D 166 -19.80 -7.15 -6.47
C PRO D 166 -19.47 -8.24 -7.51
N ILE D 167 -20.23 -9.32 -7.49
CA ILE D 167 -20.22 -10.32 -8.55
C ILE D 167 -20.68 -9.70 -9.87
N VAL D 168 -20.04 -10.07 -10.96
CA VAL D 168 -20.30 -9.47 -12.25
C VAL D 168 -21.04 -10.46 -13.15
N GLU D 169 -21.91 -9.96 -14.02
CA GLU D 169 -22.67 -10.78 -14.96
C GLU D 169 -21.70 -11.58 -15.84
N ARG D 170 -22.07 -12.82 -16.14
CA ARG D 170 -21.18 -13.71 -16.92
C ARG D 170 -20.78 -13.13 -18.31
N PRO D 171 -21.74 -12.56 -19.08
CA PRO D 171 -21.37 -11.95 -20.38
C PRO D 171 -20.32 -10.83 -20.25
N VAL D 172 -20.44 -10.01 -19.21
CA VAL D 172 -19.45 -8.98 -18.94
C VAL D 172 -18.06 -9.58 -18.65
N CYS D 173 -18.02 -10.63 -17.81
CA CYS D 173 -16.77 -11.38 -17.52
C CYS D 173 -16.14 -11.91 -18.80
N LYS D 174 -16.95 -12.53 -19.63
CA LYS D 174 -16.49 -13.09 -20.90
C LYS D 174 -15.93 -12.02 -21.85
N ASP D 175 -16.62 -10.90 -21.96
CA ASP D 175 -16.23 -9.83 -22.88
C ASP D 175 -15.01 -9.05 -22.40
N SER D 176 -14.60 -9.25 -21.15
CA SER D 176 -13.48 -8.50 -20.55
C SER D 176 -12.10 -9.09 -20.84
N THR D 177 -12.09 -10.33 -21.32
CA THR D 177 -10.85 -11.04 -21.55
C THR D 177 -10.90 -11.88 -22.84
N ARG D 178 -9.73 -12.08 -23.47
CA ARG D 178 -9.58 -13.01 -24.60
C ARG D 178 -9.61 -14.45 -24.11
N ILE D 179 -9.26 -14.65 -22.85
CA ILE D 179 -9.18 -15.98 -22.25
C ILE D 179 -10.54 -16.66 -22.27
N ARG D 180 -10.56 -17.94 -22.62
CA ARG D 180 -11.77 -18.75 -22.53
C ARG D 180 -12.03 -19.07 -21.06
N ILE D 181 -13.12 -18.55 -20.53
CA ILE D 181 -13.42 -18.80 -19.13
C ILE D 181 -14.41 -19.97 -19.02
N THR D 182 -14.49 -20.59 -17.84
CA THR D 182 -15.32 -21.77 -17.70
C THR D 182 -16.38 -21.53 -16.63
N ASP D 183 -17.31 -22.48 -16.50
CA ASP D 183 -18.31 -22.43 -15.45
C ASP D 183 -17.73 -22.60 -14.05
N ASN D 184 -16.47 -23.02 -13.95
CA ASN D 184 -15.83 -23.23 -12.66
C ASN D 184 -15.15 -21.97 -12.10
N MET D 185 -15.38 -20.85 -12.78
CA MET D 185 -14.86 -19.55 -12.34
C MET D 185 -15.99 -18.56 -12.35
N PHE D 186 -15.91 -17.57 -11.47
CA PHE D 186 -16.74 -16.38 -11.56
C PHE D 186 -15.85 -15.13 -11.45
N CYS D 187 -16.39 -13.99 -11.85
CA CYS D 187 -15.59 -12.78 -11.76
C CYS D 187 -16.29 -11.77 -10.87
N ALA D 188 -15.53 -10.83 -10.33
CA ALA D 188 -16.05 -9.85 -9.38
C ALA D 188 -15.20 -8.58 -9.44
N GLY D 189 -15.87 -7.45 -9.23
CA GLY D 189 -15.23 -6.15 -9.24
C GLY D 189 -16.17 -5.09 -9.77
N TYR D 190 -15.81 -3.84 -9.55
CA TYR D 190 -16.61 -2.73 -10.04
C TYR D 190 -16.38 -2.48 -11.53
N LYS D 191 -17.44 -2.11 -12.23
CA LYS D 191 -17.33 -1.65 -13.62
C LYS D 191 -16.77 -0.24 -13.67
N PRO D 192 -16.17 0.13 -14.83
CA PRO D 192 -15.61 1.47 -14.98
C PRO D 192 -16.57 2.61 -14.62
N ASP D 193 -17.86 2.43 -14.86
CA ASP D 193 -18.82 3.50 -14.59
C ASP D 193 -19.35 3.53 -13.15
N GLU D 194 -18.85 2.61 -12.31
CA GLU D 194 -19.35 2.42 -10.94
C GLU D 194 -18.60 3.21 -9.86
N GLY D 195 -17.56 3.95 -10.25
CA GLY D 195 -16.90 4.86 -9.31
C GLY D 195 -15.94 4.20 -8.32
N LYS D 196 -16.44 3.22 -7.55
CA LYS D 196 -15.62 2.50 -6.56
C LYS D 196 -14.65 1.57 -7.28
N ARG D 197 -13.57 1.20 -6.57
CA ARG D 197 -12.53 0.34 -7.14
C ARG D 197 -12.18 -0.77 -6.15
N GLY D 198 -11.20 -1.60 -6.53
CA GLY D 198 -10.76 -2.66 -5.62
C GLY D 198 -10.60 -3.97 -6.35
N ASP D 199 -9.61 -4.76 -5.93
CA ASP D 199 -9.28 -6.04 -6.57
C ASP D 199 -8.37 -6.85 -5.65
N ALA D 200 -8.28 -8.16 -5.91
CA ALA D 200 -7.19 -8.94 -5.38
C ALA D 200 -5.97 -8.71 -6.29
N CYS D 201 -4.79 -9.08 -5.81
CA CYS D 201 -3.56 -8.92 -6.59
C CYS D 201 -2.59 -10.06 -6.28
N GLU D 202 -1.40 -10.04 -6.87
CA GLU D 202 -0.41 -11.10 -6.61
C GLU D 202 -0.11 -11.21 -5.12
N GLY D 203 -0.01 -12.45 -4.62
CA GLY D 203 0.12 -12.72 -3.19
C GLY D 203 -1.21 -12.99 -2.49
N ASP D 204 -2.32 -12.64 -3.15
CA ASP D 204 -3.66 -12.88 -2.60
C ASP D 204 -4.27 -14.19 -3.04
N ALA D 205 -3.73 -14.81 -4.09
CA ALA D 205 -4.28 -16.08 -4.60
C ALA D 205 -4.45 -17.09 -3.49
N GLY D 206 -5.50 -17.90 -3.59
CA GLY D 206 -5.75 -18.93 -2.60
C GLY D 206 -6.60 -18.43 -1.45
N GLY D 207 -6.68 -17.12 -1.30
CA GLY D 207 -7.50 -16.53 -0.25
C GLY D 207 -8.98 -16.55 -0.55
N PRO D 208 -9.82 -16.36 0.48
CA PRO D 208 -11.27 -16.54 0.34
C PRO D 208 -12.05 -15.31 -0.19
N PHE D 209 -13.09 -15.58 -0.97
CA PHE D 209 -14.13 -14.60 -1.33
C PHE D 209 -15.36 -15.06 -0.52
N VAL D 210 -15.77 -14.28 0.47
CA VAL D 210 -16.81 -14.72 1.39
C VAL D 210 -18.07 -13.87 1.30
N MET D 211 -19.21 -14.48 1.61
CA MET D 211 -20.47 -13.75 1.67
C MET D 211 -21.20 -14.16 2.94
N LYS D 212 -22.00 -13.25 3.49
CA LYS D 212 -22.71 -13.52 4.74
C LYS D 212 -24.18 -13.82 4.47
N SER D 213 -24.63 -15.01 4.85
CA SER D 213 -26.02 -15.37 4.64
C SER D 213 -26.95 -14.64 5.61
N PRO D 214 -27.97 -13.96 5.06
CA PRO D 214 -29.06 -13.38 5.83
C PRO D 214 -29.91 -14.45 6.53
N PHE D 215 -29.86 -15.68 6.05
CA PHE D 215 -30.71 -16.74 6.58
C PHE D 215 -30.23 -17.28 7.91
N ASN D 216 -28.93 -17.36 8.12
CA ASN D 216 -28.41 -17.94 9.37
C ASN D 216 -27.24 -17.18 9.96
N ASN D 217 -26.92 -16.04 9.37
CA ASN D 217 -25.86 -15.16 9.87
C ASN D 217 -24.43 -15.72 9.73
N ARG D 218 -24.26 -16.77 8.93
CA ARG D 218 -22.95 -17.42 8.79
C ARG D 218 -22.24 -16.91 7.56
N TRP D 219 -20.91 -16.83 7.66
CA TRP D 219 -20.05 -16.51 6.53
C TRP D 219 -19.75 -17.80 5.75
N TYR D 220 -19.94 -17.73 4.43
CA TYR D 220 -19.70 -18.87 3.55
C TYR D 220 -18.61 -18.49 2.58
N GLN D 221 -17.69 -19.42 2.28
CA GLN D 221 -16.70 -19.16 1.24
C GLN D 221 -17.22 -19.56 -0.14
N MET D 222 -17.52 -18.57 -0.96
CA MET D 222 -18.05 -18.79 -2.29
C MET D 222 -16.94 -18.90 -3.34
N GLY D 223 -15.79 -18.28 -3.07
CA GLY D 223 -14.72 -18.22 -4.05
C GLY D 223 -13.33 -18.36 -3.48
N ILE D 224 -12.38 -18.62 -4.38
CA ILE D 224 -10.97 -18.64 -4.06
C ILE D 224 -10.31 -17.66 -5.05
N VAL D 225 -9.52 -16.71 -4.56
CA VAL D 225 -8.78 -15.80 -5.47
C VAL D 225 -7.94 -16.66 -6.43
N SER D 226 -8.08 -16.44 -7.74
CA SER D 226 -7.39 -17.29 -8.71
C SER D 226 -6.48 -16.48 -9.63
N TRP D 227 -7.06 -15.68 -10.51
CA TRP D 227 -6.25 -14.93 -11.48
C TRP D 227 -6.86 -13.61 -11.91
N GLY D 228 -6.07 -12.84 -12.66
CA GLY D 228 -6.54 -11.61 -13.28
C GLY D 228 -5.63 -11.24 -14.42
N GLU D 229 -5.83 -10.04 -14.95
CA GLU D 229 -4.94 -9.45 -15.94
C GLU D 229 -4.59 -8.07 -15.37
N GLY D 230 -3.37 -7.98 -14.84
CA GLY D 230 -3.00 -6.88 -13.97
C GLY D 230 -3.81 -6.91 -12.69
N CYS D 231 -3.90 -5.77 -11.99
CA CYS D 231 -4.77 -5.65 -10.82
C CYS D 231 -5.46 -4.29 -10.86
N ASP D 232 -6.75 -4.28 -10.52
CA ASP D 232 -7.56 -3.03 -10.48
C ASP D 232 -7.59 -2.23 -11.79
N ARG D 233 -7.51 -2.93 -12.94
CA ARG D 233 -7.59 -2.23 -14.23
C ARG D 233 -9.03 -1.87 -14.60
N ASP D 234 -9.25 -0.72 -15.22
CA ASP D 234 -10.60 -0.39 -15.70
C ASP D 234 -11.03 -1.38 -16.77
N GLY D 235 -12.21 -1.98 -16.58
CA GLY D 235 -12.76 -2.90 -17.57
C GLY D 235 -12.28 -4.33 -17.43
N LYS D 236 -11.46 -4.59 -16.40
CA LYS D 236 -10.97 -5.95 -16.08
C LYS D 236 -11.54 -6.37 -14.74
N TYR D 237 -11.63 -7.68 -14.51
CA TYR D 237 -12.21 -8.21 -13.29
C TYR D 237 -11.33 -9.31 -12.70
N GLY D 238 -11.42 -9.48 -11.39
CA GLY D 238 -10.75 -10.59 -10.76
C GLY D 238 -11.56 -11.86 -11.00
N PHE D 239 -10.84 -12.96 -11.24
CA PHE D 239 -11.44 -14.28 -11.39
C PHE D 239 -11.20 -15.12 -10.16
N TYR D 240 -12.26 -15.86 -9.80
CA TYR D 240 -12.35 -16.63 -8.57
C TYR D 240 -12.79 -18.07 -8.88
N THR D 241 -12.14 -19.04 -8.24
CA THR D 241 -12.63 -20.42 -8.32
C THR D 241 -14.00 -20.52 -7.65
N HIS D 242 -14.94 -21.14 -8.36
CA HIS D 242 -16.33 -21.33 -7.92
C HIS D 242 -16.39 -22.55 -6.97
N VAL D 243 -16.32 -22.28 -5.66
CA VAL D 243 -16.20 -23.34 -4.65
C VAL D 243 -17.36 -24.34 -4.71
N PHE D 244 -18.58 -23.83 -4.82
CA PHE D 244 -19.72 -24.72 -4.85
C PHE D 244 -19.66 -25.76 -6.00
N ARG D 245 -19.26 -25.33 -7.19
CA ARG D 245 -19.10 -26.23 -8.35
C ARG D 245 -18.09 -27.38 -8.13
N LEU D 246 -17.15 -27.19 -7.22
CA LEU D 246 -16.10 -28.20 -6.94
C LEU D 246 -16.22 -28.82 -5.53
N LYS D 247 -17.36 -28.60 -4.87
CA LYS D 247 -17.59 -29.04 -3.50
C LYS D 247 -17.65 -30.58 -3.40
N LYS D 248 -18.05 -31.26 -4.47
CA LYS D 248 -18.04 -32.74 -4.49
C LYS D 248 -16.61 -33.30 -4.33
N TRP D 249 -15.64 -32.70 -5.02
CA TRP D 249 -14.23 -33.07 -4.87
C TRP D 249 -13.69 -32.76 -3.46
N ILE D 250 -13.98 -31.57 -2.93
CA ILE D 250 -13.59 -31.25 -1.54
C ILE D 250 -14.09 -32.30 -0.54
N GLN D 251 -15.35 -32.70 -0.68
CA GLN D 251 -15.95 -33.67 0.22
C GLN D 251 -15.33 -35.06 0.07
N LYS D 252 -15.07 -35.45 -1.18
CA LYS D 252 -14.41 -36.73 -1.47
C LYS D 252 -13.02 -36.80 -0.79
N VAL D 253 -12.28 -35.69 -0.80
CA VAL D 253 -10.96 -35.64 -0.20
C VAL D 253 -11.00 -35.63 1.34
N ILE D 254 -11.88 -34.81 1.93
CA ILE D 254 -12.03 -34.78 3.40
C ILE D 254 -12.40 -36.15 3.96
N ASP D 255 -13.35 -36.82 3.31
CA ASP D 255 -13.83 -38.15 3.74
C ASP D 255 -12.76 -39.24 3.68
N GLN D 256 -11.99 -39.28 2.60
CA GLN D 256 -11.06 -40.38 2.34
C GLN D 256 -9.79 -40.36 3.19
N PHE D 257 -9.18 -39.19 3.32
CA PHE D 257 -7.84 -39.09 3.89
C PHE D 257 -7.83 -38.54 5.32
N GLY D 258 -8.23 -39.41 6.25
CA GLY D 258 -8.39 -39.06 7.65
C GLY D 258 -9.40 -40.01 8.26
N GLU D 259 -10.65 -39.93 7.76
CA GLU D 259 -11.68 -40.90 8.11
C GLU D 259 -11.89 -41.92 7.00
N GLN E 1 -12.74 18.65 -11.63
CA GLN E 1 -12.15 19.87 -11.00
C GLN E 1 -10.75 20.21 -11.56
N GLU E 2 -10.14 19.26 -12.27
CA GLU E 2 -8.73 19.33 -12.65
C GLU E 2 -8.39 20.35 -13.75
N ASP E 3 -7.54 21.32 -13.37
CA ASP E 3 -6.95 22.28 -14.29
C ASP E 3 -5.51 21.81 -14.61
N GLN E 4 -5.39 20.52 -14.92
CA GLN E 4 -4.13 19.87 -15.32
C GLN E 4 -3.09 19.60 -14.21
N VAL E 5 -2.60 20.64 -13.51
CA VAL E 5 -1.74 20.44 -12.32
C VAL E 5 -2.48 19.63 -11.24
N ASP E 6 -1.91 18.51 -10.80
CA ASP E 6 -2.46 17.77 -9.64
C ASP E 6 -1.58 18.01 -8.39
N PRO E 7 -2.00 18.95 -7.49
CA PRO E 7 -1.22 19.20 -6.28
C PRO E 7 -1.20 17.96 -5.38
N ARG E 8 -0.06 17.72 -4.76
CA ARG E 8 0.13 16.49 -4.01
C ARG E 8 -0.21 16.64 -2.51
N GLN F 1 7.09 -13.12 -18.76
CA GLN F 1 6.35 -14.32 -19.27
C GLN F 1 4.96 -14.00 -19.84
N GLU F 2 3.90 -14.39 -19.12
CA GLU F 2 2.52 -13.87 -19.29
C GLU F 2 1.42 -14.83 -19.81
N ASP F 3 1.47 -15.16 -21.10
CA ASP F 3 0.34 -15.83 -21.79
C ASP F 3 -1.03 -15.27 -21.38
N GLN F 4 -1.09 -13.94 -21.23
CA GLN F 4 -2.30 -13.21 -20.84
C GLN F 4 -2.70 -13.37 -19.36
N VAL F 5 -3.11 -14.57 -18.96
CA VAL F 5 -3.51 -14.84 -17.56
C VAL F 5 -2.37 -14.58 -16.56
N ASP F 6 -2.62 -13.70 -15.58
CA ASP F 6 -1.69 -13.47 -14.48
C ASP F 6 -2.21 -14.20 -13.23
N PRO F 7 -1.60 -15.35 -12.89
CA PRO F 7 -1.99 -16.06 -11.68
C PRO F 7 -1.63 -15.24 -10.44
N ARG F 8 -2.56 -15.11 -9.51
CA ARG F 8 -2.39 -14.21 -8.37
C ARG F 8 -1.55 -14.76 -7.22
N LEU F 9 -0.74 -15.77 -7.55
CA LEU F 9 0.24 -16.35 -6.65
C LEU F 9 0.87 -15.32 -5.73
#